data_6D9C
#
_entry.id   6D9C
#
_cell.length_a   97.260
_cell.length_b   97.260
_cell.length_c   129.120
_cell.angle_alpha   90.000
_cell.angle_beta   90.000
_cell.angle_gamma   90.000
#
_symmetry.space_group_name_H-M   'P 41 21 2'
#
loop_
_entity.id
_entity.type
_entity.pdbx_description
1 polymer 'UDP-galactopyranose mutase'
2 non-polymer 'DIHYDROFLAVINE-ADENINE DINUCLEOTIDE'
3 non-polymer "URIDINE-5'-DIPHOSPHATE-GLUCOSE"
4 non-polymer 'SODIUM ION'
#
_entity_poly.entity_id   1
_entity_poly.type   'polypeptide(L)'
_entity_poly.pdbx_seq_one_letter_code
;MSDFDLIVVGSGLFGLTVAERAASQLGKKVLIVEKRSHLGGNAYSEAEPETGIEIHKYGAHLFHTSNKRVWDYVNQFTAF
TGYQHRVFAMHNGTAYQFPMGLGLINQFFGRYYTPDEARELIKEQSAEIDSKDATNLEEKAISLIGRPLYEAFIRDYTAK
QWQTDPKELPAGNITRLPVRYNFDNRYFNDTYEGLPVDGYAQWLSNMADHENIEVRLDTDWFEVREDLRAQNPEAPVVYT
GPLDRYFDYSEGHLGWRTLDFETEVLNTGDFQGTPVMNYNDAEFPYTRIHEFRHFHPEREDRHPKDKTVIMKEYSRFAEE
GDEPYYPINTPSDREMLFKYRELADAETESGKVYFGGRLGTYQYLDMHMAIASALSMFDNKLVDALKHHHHHH
;
_entity_poly.pdbx_strand_id   A
#
loop_
_chem_comp.id
_chem_comp.type
_chem_comp.name
_chem_comp.formula
FDA non-polymer 'DIHYDROFLAVINE-ADENINE DINUCLEOTIDE' 'C27 H35 N9 O15 P2'
NA non-polymer 'SODIUM ION' 'Na 1'
UPG non-polymer URIDINE-5'-DIPHOSPHATE-GLUCOSE 'C15 H24 N2 O17 P2'
#
# COMPACT_ATOMS: atom_id res chain seq x y z
N SER A 2 -22.71 12.23 -26.87
CA SER A 2 -22.19 12.89 -25.68
C SER A 2 -20.69 13.07 -25.81
N ASP A 3 -20.10 13.86 -24.91
CA ASP A 3 -18.64 14.04 -24.89
C ASP A 3 -18.04 12.95 -24.06
N PHE A 4 -18.83 12.47 -23.12
CA PHE A 4 -18.39 11.40 -22.26
C PHE A 4 -19.60 10.61 -21.88
N ASP A 5 -19.38 9.35 -21.52
CA ASP A 5 -20.44 8.47 -21.08
C ASP A 5 -20.21 8.06 -19.64
N LEU A 6 -18.98 8.22 -19.18
CA LEU A 6 -18.63 7.83 -17.83
C LEU A 6 -17.67 8.82 -17.22
N ILE A 7 -17.94 9.21 -15.98
CA ILE A 7 -17.04 10.09 -15.23
C ILE A 7 -16.37 9.32 -14.11
N VAL A 8 -15.06 9.42 -14.04
CA VAL A 8 -14.30 8.72 -13.01
C VAL A 8 -13.52 9.72 -12.16
N VAL A 9 -13.86 9.79 -10.89
CA VAL A 9 -13.16 10.68 -9.97
C VAL A 9 -11.96 9.97 -9.34
N GLY A 10 -10.78 10.47 -9.64
CA GLY A 10 -9.55 9.89 -9.13
C GLY A 10 -8.81 9.19 -10.25
N SER A 11 -7.49 9.11 -10.17
CA SER A 11 -6.74 8.35 -11.16
C SER A 11 -5.77 7.33 -10.53
N GLY A 12 -6.10 6.87 -9.33
CA GLY A 12 -5.40 5.72 -8.76
C GLY A 12 -5.69 4.46 -9.58
N LEU A 13 -5.06 3.35 -9.20
CA LEU A 13 -5.28 2.11 -9.90
C LEU A 13 -6.76 1.80 -10.03
N PHE A 14 -7.54 2.12 -9.00
CA PHE A 14 -8.96 1.82 -9.08
C PHE A 14 -9.66 2.61 -10.18
N GLY A 15 -9.50 3.93 -10.17
CA GLY A 15 -10.09 4.72 -11.22
C GLY A 15 -9.63 4.23 -12.58
N LEU A 16 -8.31 4.20 -12.77
CA LEU A 16 -7.72 3.84 -14.04
C LEU A 16 -8.29 2.54 -14.57
N THR A 17 -8.41 1.56 -13.71
CA THR A 17 -8.87 0.26 -14.17
C THR A 17 -10.27 0.41 -14.71
N VAL A 18 -11.19 0.85 -13.84
CA VAL A 18 -12.56 1.06 -14.25
C VAL A 18 -12.62 1.79 -15.58
N ALA A 19 -11.90 2.90 -15.64
CA ALA A 19 -11.77 3.71 -16.83
C ALA A 19 -11.41 2.88 -18.05
N GLU A 20 -10.23 2.26 -18.00
CA GLU A 20 -9.72 1.52 -19.14
C GLU A 20 -10.65 0.39 -19.61
N ARG A 21 -11.26 -0.31 -18.68
CA ARG A 21 -12.20 -1.35 -19.07
C ARG A 21 -13.34 -0.73 -19.86
N ALA A 22 -13.94 0.32 -19.31
CA ALA A 22 -15.03 1.00 -20.00
C ALA A 22 -14.61 1.48 -21.39
N ALA A 23 -13.40 2.01 -21.52
CA ALA A 23 -12.93 2.44 -22.82
C ALA A 23 -12.68 1.28 -23.80
N SER A 24 -11.98 0.24 -23.37
CA SER A 24 -11.57 -0.79 -24.32
C SER A 24 -12.60 -1.90 -24.51
N GLN A 25 -13.44 -2.15 -23.51
CA GLN A 25 -14.34 -3.29 -23.57
C GLN A 25 -15.76 -2.86 -23.93
N LEU A 26 -16.10 -1.62 -23.64
CA LEU A 26 -17.44 -1.15 -23.97
C LEU A 26 -17.37 -0.08 -25.06
N GLY A 27 -16.19 0.50 -25.21
CA GLY A 27 -15.96 1.53 -26.21
C GLY A 27 -16.62 2.85 -25.85
N LYS A 28 -16.90 3.04 -24.56
CA LYS A 28 -17.52 4.27 -24.07
C LYS A 28 -16.52 5.42 -24.00
N LYS A 29 -17.04 6.64 -23.93
CA LYS A 29 -16.20 7.81 -23.70
C LYS A 29 -16.07 8.06 -22.20
N VAL A 30 -14.84 8.12 -21.72
CA VAL A 30 -14.62 8.18 -20.28
C VAL A 30 -13.85 9.41 -19.90
N LEU A 31 -14.39 10.19 -18.99
CA LEU A 31 -13.69 11.36 -18.52
C LEU A 31 -13.12 11.14 -17.13
N ILE A 32 -11.81 11.30 -17.01
CA ILE A 32 -11.16 11.10 -15.73
C ILE A 32 -10.82 12.43 -15.16
N VAL A 33 -11.31 12.64 -13.95
CA VAL A 33 -11.04 13.84 -13.18
C VAL A 33 -10.11 13.57 -12.01
N GLU A 34 -8.97 14.25 -12.02
CA GLU A 34 -7.97 14.07 -10.97
C GLU A 34 -7.59 15.40 -10.29
N LYS A 35 -7.64 15.40 -8.95
CA LYS A 35 -7.28 16.58 -8.16
C LYS A 35 -5.80 16.97 -8.29
N ARG A 36 -4.88 16.00 -8.19
CA ARG A 36 -3.46 16.32 -8.22
C ARG A 36 -3.06 16.75 -9.61
N SER A 37 -1.77 16.94 -9.81
CA SER A 37 -1.30 17.32 -11.13
C SER A 37 -0.72 16.11 -11.85
N HIS A 38 -0.69 14.97 -11.17
CA HIS A 38 -0.10 13.80 -11.76
C HIS A 38 -1.13 12.69 -11.88
N LEU A 39 -0.97 11.85 -12.90
CA LEU A 39 -1.67 10.55 -12.98
C LEU A 39 -1.17 9.52 -11.99
N GLY A 40 -2.07 8.78 -11.36
CA GLY A 40 -1.64 7.57 -10.69
C GLY A 40 -2.08 7.34 -9.27
N GLY A 41 -2.48 8.39 -8.58
CA GLY A 41 -2.82 8.22 -7.17
C GLY A 41 -1.55 7.90 -6.43
N ASN A 42 -1.68 7.22 -5.30
CA ASN A 42 -0.52 7.03 -4.43
C ASN A 42 0.54 6.09 -5.02
N ALA A 43 0.19 5.36 -6.07
CA ALA A 43 1.16 4.48 -6.70
C ALA A 43 2.22 5.24 -7.49
N TYR A 44 1.92 6.49 -7.85
CA TYR A 44 2.82 7.33 -8.65
C TYR A 44 4.28 7.34 -8.19
N SER A 45 5.18 7.36 -9.15
CA SER A 45 6.61 7.51 -8.91
C SER A 45 7.22 8.52 -9.87
N GLU A 46 8.27 9.20 -9.44
CA GLU A 46 8.91 10.19 -10.28
C GLU A 46 10.39 10.23 -9.97
N ALA A 47 11.17 10.81 -10.87
CA ALA A 47 12.62 10.77 -10.74
C ALA A 47 13.13 11.85 -9.81
N GLU A 48 14.02 11.49 -8.90
CA GLU A 48 14.68 12.54 -8.13
C GLU A 48 15.57 13.26 -9.13
N PRO A 49 15.49 14.60 -9.16
CA PRO A 49 16.16 15.53 -10.08
C PRO A 49 17.70 15.47 -10.10
N GLU A 50 18.33 15.39 -8.95
CA GLU A 50 19.79 15.39 -8.93
C GLU A 50 20.36 14.15 -9.61
N THR A 51 19.83 13.00 -9.21
CA THR A 51 20.38 11.68 -9.51
C THR A 51 19.71 10.94 -10.68
N GLY A 52 18.46 11.29 -10.95
CA GLY A 52 17.69 10.58 -11.95
C GLY A 52 16.95 9.33 -11.45
N ILE A 53 17.20 8.95 -10.19
CA ILE A 53 16.67 7.73 -9.61
C ILE A 53 15.17 7.81 -9.30
N GLU A 54 14.42 6.79 -9.71
CA GLU A 54 12.96 6.68 -9.49
C GLU A 54 12.67 6.54 -7.99
N ILE A 55 11.71 7.30 -7.48
CA ILE A 55 11.31 7.21 -6.07
C ILE A 55 9.80 7.27 -5.97
N HIS A 56 9.24 7.04 -4.79
CA HIS A 56 7.80 7.02 -4.64
C HIS A 56 7.34 8.03 -3.56
N LYS A 57 6.69 9.11 -3.96
CA LYS A 57 6.41 10.15 -2.96
C LYS A 57 5.25 9.79 -2.05
N TYR A 58 4.65 8.62 -2.22
CA TYR A 58 3.51 8.22 -1.37
C TYR A 58 3.73 6.85 -0.71
N GLY A 59 4.99 6.50 -0.52
CA GLY A 59 5.35 5.26 0.11
C GLY A 59 5.93 4.33 -0.94
N ALA A 60 6.89 3.48 -0.57
CA ALA A 60 7.45 2.51 -1.52
C ALA A 60 6.40 1.50 -1.96
N HIS A 61 6.41 1.16 -3.25
CA HIS A 61 5.43 0.19 -3.79
C HIS A 61 6.05 -1.01 -4.50
N LEU A 62 5.84 -2.18 -3.90
CA LEU A 62 6.30 -3.44 -4.48
C LEU A 62 5.11 -4.21 -4.99
N PHE A 63 5.14 -4.63 -6.26
CA PHE A 63 3.98 -5.30 -6.86
C PHE A 63 4.10 -6.79 -6.77
N HIS A 64 3.06 -7.44 -6.26
CA HIS A 64 3.09 -8.88 -6.07
C HIS A 64 1.65 -9.51 -6.03
N THR A 65 1.42 -10.57 -6.78
CA THR A 65 0.12 -11.23 -6.70
C THR A 65 0.18 -12.72 -7.03
N SER A 66 -0.79 -13.45 -6.51
CA SER A 66 -1.03 -14.84 -6.91
C SER A 66 -2.30 -14.92 -7.72
N ASN A 67 -2.83 -13.74 -8.08
CA ASN A 67 -4.07 -13.65 -8.84
C ASN A 67 -3.78 -13.51 -10.32
N LYS A 68 -3.93 -14.61 -11.05
CA LYS A 68 -3.45 -14.64 -12.41
C LYS A 68 -4.20 -13.66 -13.28
N ARG A 69 -5.47 -13.45 -12.94
CA ARG A 69 -6.32 -12.55 -13.70
C ARG A 69 -5.70 -11.18 -13.75
N VAL A 70 -5.44 -10.66 -12.55
CA VAL A 70 -4.81 -9.38 -12.37
C VAL A 70 -3.47 -9.33 -13.08
N TRP A 71 -2.70 -10.39 -12.94
CA TRP A 71 -1.35 -10.41 -13.49
C TRP A 71 -1.36 -10.23 -15.02
N ASP A 72 -2.20 -10.99 -15.71
CA ASP A 72 -2.27 -10.93 -17.16
C ASP A 72 -2.77 -9.59 -17.62
N TYR A 73 -3.69 -9.09 -16.82
CA TYR A 73 -4.22 -7.76 -17.03
C TYR A 73 -3.10 -6.72 -17.00
N VAL A 74 -2.45 -6.54 -15.84
CA VAL A 74 -1.52 -5.44 -15.71
C VAL A 74 -0.35 -5.61 -16.66
N ASN A 75 -0.17 -6.82 -17.14
CA ASN A 75 0.94 -6.99 -18.04
C ASN A 75 0.62 -6.44 -19.39
N GLN A 76 -0.68 -6.20 -19.62
CA GLN A 76 -1.13 -5.56 -20.84
C GLN A 76 -0.58 -4.14 -20.94
N PHE A 77 -0.20 -3.56 -19.80
CA PHE A 77 0.21 -2.15 -19.79
C PHE A 77 1.63 -1.87 -19.39
N THR A 78 2.36 -2.91 -19.00
CA THR A 78 3.76 -2.74 -18.61
C THR A 78 4.35 -4.07 -18.36
N ALA A 79 5.67 -4.15 -18.53
CA ALA A 79 6.41 -5.37 -18.23
C ALA A 79 6.92 -5.26 -16.82
N PHE A 80 7.34 -6.38 -16.24
CA PHE A 80 7.89 -6.33 -14.88
C PHE A 80 9.29 -6.88 -14.85
N THR A 81 10.02 -6.59 -13.78
CA THR A 81 11.36 -7.13 -13.65
C THR A 81 11.26 -8.39 -12.84
N GLY A 82 12.39 -9.02 -12.59
CA GLY A 82 12.38 -10.24 -11.81
C GLY A 82 12.68 -9.93 -10.37
N TYR A 83 12.47 -8.68 -10.01
CA TYR A 83 12.76 -8.22 -8.68
C TYR A 83 12.07 -9.12 -7.66
N GLN A 84 12.85 -9.67 -6.73
CA GLN A 84 12.23 -10.29 -5.56
C GLN A 84 12.51 -9.42 -4.36
N HIS A 85 11.46 -9.05 -3.64
CA HIS A 85 11.68 -8.21 -2.48
C HIS A 85 12.27 -8.94 -1.29
N ARG A 86 13.28 -8.34 -0.67
CA ARG A 86 13.90 -8.87 0.56
C ARG A 86 14.17 -7.76 1.59
N VAL A 87 14.10 -8.14 2.87
CA VAL A 87 14.23 -7.12 3.93
C VAL A 87 15.22 -7.56 5.00
N PHE A 88 15.94 -6.58 5.55
CA PHE A 88 16.81 -6.82 6.69
C PHE A 88 16.40 -5.97 7.89
N ALA A 89 16.52 -6.54 9.09
CA ALA A 89 16.11 -5.87 10.33
C ALA A 89 17.29 -5.43 11.18
N MET A 90 17.39 -4.13 11.41
CA MET A 90 18.51 -3.56 12.17
C MET A 90 18.24 -3.47 13.66
N HIS A 91 19.00 -4.26 14.43
CA HIS A 91 18.85 -4.38 15.88
C HIS A 91 20.19 -4.53 16.60
N ASN A 92 20.53 -3.54 17.42
CA ASN A 92 21.79 -3.50 18.17
C ASN A 92 22.99 -3.57 17.25
N GLY A 93 22.98 -2.71 16.23
CA GLY A 93 24.14 -2.52 15.36
C GLY A 93 24.47 -3.72 14.51
N THR A 94 23.53 -4.64 14.40
CA THR A 94 23.72 -5.78 13.52
C THR A 94 22.49 -5.85 12.64
N ALA A 95 22.72 -6.14 11.37
CA ALA A 95 21.63 -6.34 10.42
C ALA A 95 21.22 -7.80 10.44
N TYR A 96 19.97 -8.06 10.78
CA TYR A 96 19.49 -9.44 10.82
C TYR A 96 18.77 -9.82 9.52
N GLN A 97 18.99 -11.07 9.10
CA GLN A 97 18.16 -11.67 8.08
C GLN A 97 16.71 -11.59 8.52
N PHE A 98 15.79 -11.59 7.57
CA PHE A 98 14.41 -11.26 7.88
C PHE A 98 13.49 -11.70 6.75
N PRO A 99 12.29 -12.17 7.10
CA PRO A 99 11.72 -12.22 8.43
C PRO A 99 12.24 -13.36 9.31
N MET A 100 11.51 -13.67 10.38
CA MET A 100 11.96 -14.67 11.34
C MET A 100 12.02 -16.07 10.78
N GLY A 101 13.23 -16.64 10.85
CA GLY A 101 13.48 -17.95 10.30
C GLY A 101 14.85 -18.45 10.71
N LEU A 102 15.22 -19.64 10.25
CA LEU A 102 16.52 -20.23 10.60
C LEU A 102 17.65 -19.23 10.54
N GLY A 103 17.63 -18.37 9.53
CA GLY A 103 18.64 -17.35 9.40
C GLY A 103 18.68 -16.42 10.59
N LEU A 104 17.62 -15.66 10.80
CA LEU A 104 17.61 -14.70 11.90
C LEU A 104 17.94 -15.42 13.18
N ILE A 105 17.32 -16.59 13.36
CA ILE A 105 17.46 -17.39 14.57
C ILE A 105 18.91 -17.69 14.89
N ASN A 106 19.65 -18.16 13.90
CA ASN A 106 21.07 -18.37 14.04
C ASN A 106 21.80 -17.12 14.52
N GLN A 107 21.55 -15.98 13.88
CA GLN A 107 22.25 -14.73 14.23
C GLN A 107 22.00 -14.25 15.66
N PHE A 108 20.80 -14.50 16.15
CA PHE A 108 20.31 -13.95 17.41
C PHE A 108 20.66 -14.82 18.61
N PHE A 109 20.21 -16.07 18.58
CA PHE A 109 20.56 -17.07 19.58
C PHE A 109 21.94 -17.75 19.41
N GLY A 110 22.86 -17.16 18.65
CA GLY A 110 24.24 -17.59 18.68
C GLY A 110 24.78 -18.72 17.82
N ARG A 111 23.96 -19.69 17.44
CA ARG A 111 24.41 -20.83 16.62
C ARG A 111 23.31 -21.41 15.71
N TYR A 112 23.70 -22.26 14.77
CA TYR A 112 22.73 -22.89 13.86
C TYR A 112 21.78 -23.86 14.54
N TYR A 113 20.50 -23.69 14.21
CA TYR A 113 19.45 -24.59 14.62
C TYR A 113 18.84 -25.26 13.40
N THR A 114 18.84 -26.58 13.36
CA THR A 114 18.16 -27.28 12.28
C THR A 114 16.67 -26.94 12.30
N PRO A 115 15.97 -27.20 11.18
CA PRO A 115 14.54 -26.87 11.15
C PRO A 115 13.81 -27.46 12.35
N ASP A 116 14.04 -28.75 12.61
CA ASP A 116 13.41 -29.44 13.75
C ASP A 116 13.83 -28.81 15.09
N GLU A 117 15.12 -28.55 15.23
CA GLU A 117 15.65 -27.86 16.39
C GLU A 117 14.92 -26.53 16.59
N ALA A 118 14.71 -25.80 15.51
CA ALA A 118 14.16 -24.46 15.61
C ALA A 118 12.70 -24.47 16.00
N ARG A 119 11.96 -25.44 15.49
CA ARG A 119 10.57 -25.59 15.93
C ARG A 119 10.55 -25.73 17.45
N GLU A 120 11.40 -26.63 17.96
CA GLU A 120 11.49 -26.85 19.39
C GLU A 120 11.91 -25.59 20.14
N LEU A 121 12.94 -24.92 19.65
CA LEU A 121 13.36 -23.66 20.25
C LEU A 121 12.19 -22.70 20.45
N ILE A 122 11.27 -22.65 19.50
CA ILE A 122 10.13 -21.74 19.59
C ILE A 122 9.07 -22.28 20.55
N LYS A 123 9.00 -23.62 20.64
CA LYS A 123 8.07 -24.27 21.57
C LYS A 123 8.27 -23.74 22.99
N GLU A 124 9.49 -23.91 23.50
CA GLU A 124 9.88 -23.47 24.85
C GLU A 124 9.71 -21.97 25.06
N GLN A 125 10.17 -21.19 24.10
CA GLN A 125 10.09 -19.75 24.17
C GLN A 125 8.67 -19.24 24.31
N SER A 126 7.77 -19.79 23.50
CA SER A 126 6.40 -19.28 23.42
C SER A 126 5.50 -19.94 24.45
N ALA A 127 6.10 -20.84 25.23
CA ALA A 127 5.35 -21.65 26.18
C ALA A 127 4.78 -20.82 27.33
N GLU A 128 5.41 -19.67 27.59
CA GLU A 128 4.96 -18.76 28.65
C GLU A 128 3.45 -18.53 28.62
N ILE A 129 2.96 -17.90 27.55
CA ILE A 129 1.51 -17.70 27.44
C ILE A 129 0.88 -18.55 26.34
N ASP A 130 -0.28 -19.12 26.65
CA ASP A 130 -1.06 -19.84 25.64
C ASP A 130 -1.77 -18.81 24.80
N SER A 131 -1.70 -18.98 23.49
CA SER A 131 -2.35 -18.05 22.58
C SER A 131 -3.84 -17.88 22.90
N LYS A 132 -4.45 -18.87 23.54
CA LYS A 132 -5.85 -18.77 23.95
C LYS A 132 -6.05 -17.77 25.11
N ASP A 133 -4.96 -17.33 25.73
CA ASP A 133 -5.01 -16.46 26.92
C ASP A 133 -5.00 -14.97 26.60
N ALA A 134 -4.08 -14.56 25.72
CA ALA A 134 -3.70 -13.16 25.44
C ALA A 134 -4.78 -12.07 25.57
N THR A 135 -4.40 -10.93 26.16
CA THR A 135 -5.30 -9.78 26.37
C THR A 135 -5.00 -8.57 25.47
N ASN A 136 -3.76 -8.49 25.00
CA ASN A 136 -3.33 -7.43 24.10
C ASN A 136 -2.25 -7.91 23.16
N LEU A 137 -1.76 -6.99 22.34
CA LEU A 137 -0.80 -7.33 21.30
C LEU A 137 0.53 -7.86 21.86
N GLU A 138 1.00 -7.27 22.95
CA GLU A 138 2.26 -7.71 23.55
C GLU A 138 2.22 -9.19 23.96
N GLU A 139 1.18 -9.58 24.68
CA GLU A 139 1.03 -10.96 25.10
C GLU A 139 0.95 -11.92 23.92
N LYS A 140 0.04 -11.61 23.02
CA LYS A 140 -0.34 -12.49 21.91
C LYS A 140 0.88 -12.86 21.04
N ALA A 141 1.84 -11.96 20.99
CA ALA A 141 3.07 -12.22 20.27
C ALA A 141 3.94 -13.14 21.08
N ILE A 142 4.18 -12.73 22.33
CA ILE A 142 4.98 -13.50 23.27
C ILE A 142 4.41 -14.90 23.37
N SER A 143 3.08 -15.00 23.31
CA SER A 143 2.43 -16.30 23.34
C SER A 143 2.69 -17.10 22.06
N LEU A 144 3.12 -16.43 21.01
CA LEU A 144 3.42 -17.08 19.73
C LEU A 144 4.91 -17.29 19.49
N ILE A 145 5.75 -16.36 19.95
CA ILE A 145 7.19 -16.49 19.72
C ILE A 145 8.11 -16.19 20.93
N GLY A 146 7.53 -15.93 22.10
CA GLY A 146 8.32 -15.74 23.29
C GLY A 146 8.86 -14.33 23.44
N ARG A 147 9.36 -14.01 24.63
CA ARG A 147 9.79 -12.65 24.94
C ARG A 147 11.09 -12.20 24.26
N PRO A 148 12.11 -13.08 24.21
CA PRO A 148 13.39 -12.60 23.65
C PRO A 148 13.24 -12.00 22.25
N LEU A 149 12.68 -12.79 21.33
CA LEU A 149 12.36 -12.32 20.00
C LEU A 149 11.42 -11.10 20.01
N TYR A 150 10.25 -11.26 20.65
CA TYR A 150 9.25 -10.20 20.71
C TYR A 150 9.87 -8.85 21.05
N GLU A 151 10.66 -8.83 22.11
CA GLU A 151 11.22 -7.57 22.59
C GLU A 151 12.26 -6.98 21.64
N ALA A 152 13.02 -7.86 21.00
CA ALA A 152 14.07 -7.44 20.05
C ALA A 152 13.52 -6.93 18.72
N PHE A 153 12.58 -7.66 18.13
CA PHE A 153 12.21 -7.37 16.75
C PHE A 153 10.81 -6.84 16.56
N ILE A 154 10.01 -6.83 17.60
CA ILE A 154 8.63 -6.42 17.42
C ILE A 154 8.22 -5.24 18.25
N ARG A 155 8.55 -5.30 19.53
CA ARG A 155 8.03 -4.34 20.48
C ARG A 155 8.23 -2.86 20.04
N ASP A 156 9.47 -2.42 19.79
CA ASP A 156 9.69 -1.02 19.38
C ASP A 156 9.18 -0.71 17.99
N TYR A 157 9.40 -1.63 17.05
CA TYR A 157 8.95 -1.43 15.68
C TYR A 157 7.46 -1.18 15.69
N THR A 158 6.73 -2.03 16.39
CA THR A 158 5.28 -1.91 16.45
C THR A 158 4.90 -0.59 17.07
N ALA A 159 5.60 -0.23 18.13
CA ALA A 159 5.29 0.98 18.88
C ALA A 159 5.43 2.20 18.00
N LYS A 160 6.54 2.28 17.27
CA LYS A 160 6.78 3.41 16.41
C LYS A 160 5.70 3.53 15.35
N GLN A 161 5.27 2.39 14.83
CA GLN A 161 4.37 2.40 13.69
C GLN A 161 2.98 2.83 14.08
N TRP A 162 2.55 2.49 15.29
CA TRP A 162 1.22 2.85 15.74
C TRP A 162 1.19 3.90 16.86
N GLN A 163 2.34 4.52 17.18
CA GLN A 163 2.41 5.52 18.28
C GLN A 163 1.74 5.06 19.59
N THR A 164 2.19 3.96 20.20
CA THR A 164 1.43 3.32 21.29
C THR A 164 2.22 2.21 22.01
N ASP A 165 1.76 1.78 23.18
CA ASP A 165 2.29 0.57 23.78
C ASP A 165 1.45 -0.63 23.42
N PRO A 166 2.09 -1.64 22.83
CA PRO A 166 1.59 -2.98 22.47
C PRO A 166 0.55 -3.53 23.44
N LYS A 167 0.76 -3.27 24.73
CA LYS A 167 -0.19 -3.70 25.76
C LYS A 167 -1.55 -3.06 25.58
N GLU A 168 -1.60 -1.96 24.83
CA GLU A 168 -2.86 -1.28 24.58
C GLU A 168 -3.33 -1.46 23.15
N LEU A 169 -3.06 -2.63 22.59
CA LEU A 169 -3.56 -2.92 21.26
C LEU A 169 -4.28 -4.25 21.31
N PRO A 170 -5.34 -4.38 20.50
CA PRO A 170 -6.14 -5.62 20.44
C PRO A 170 -5.26 -6.85 20.24
N ALA A 171 -5.63 -7.99 20.77
CA ALA A 171 -4.86 -9.20 20.50
C ALA A 171 -5.11 -9.72 19.07
N GLY A 172 -6.19 -9.24 18.45
CA GLY A 172 -6.62 -9.76 17.16
C GLY A 172 -5.81 -9.30 15.96
N ASN A 173 -4.80 -8.45 16.19
CA ASN A 173 -4.04 -7.90 15.08
C ASN A 173 -2.94 -8.84 14.62
N ILE A 174 -2.58 -9.81 15.45
CA ILE A 174 -1.77 -10.90 14.90
C ILE A 174 -2.58 -12.20 14.91
N THR A 175 -2.44 -12.97 13.83
CA THR A 175 -3.32 -14.08 13.58
C THR A 175 -2.51 -15.29 13.16
N ARG A 176 -1.20 -15.12 13.05
CA ARG A 176 -0.37 -16.19 12.53
C ARG A 176 1.02 -16.26 13.18
N LEU A 177 1.53 -17.50 13.32
CA LEU A 177 2.92 -17.72 13.74
C LEU A 177 3.87 -17.00 12.78
N PRO A 178 4.57 -16.01 13.29
CA PRO A 178 5.44 -15.35 12.33
C PRO A 178 6.83 -15.97 12.22
N VAL A 179 6.99 -17.28 12.07
CA VAL A 179 8.35 -17.83 11.96
C VAL A 179 8.50 -18.92 10.91
N ARG A 180 9.55 -18.83 10.10
CA ARG A 180 9.82 -19.82 9.07
C ARG A 180 10.90 -20.80 9.51
N TYR A 181 10.69 -22.08 9.29
CA TYR A 181 11.69 -23.06 9.74
C TYR A 181 12.58 -23.51 8.58
N ASN A 182 12.92 -22.54 7.73
CA ASN A 182 13.93 -22.71 6.71
C ASN A 182 14.74 -21.41 6.50
N PHE A 183 15.55 -21.38 5.45
CA PHE A 183 16.36 -20.21 5.14
C PHE A 183 15.81 -19.34 4.02
N ASP A 184 14.55 -19.52 3.71
CA ASP A 184 13.98 -18.79 2.60
C ASP A 184 13.53 -17.39 3.02
N ASN A 185 14.17 -16.35 2.50
CA ASN A 185 13.80 -15.00 2.97
C ASN A 185 13.25 -14.07 1.86
N ARG A 186 12.56 -14.65 0.88
CA ARG A 186 11.61 -13.86 0.10
C ARG A 186 10.70 -13.17 1.08
N TYR A 187 10.46 -11.89 0.90
CA TYR A 187 9.53 -11.27 1.80
C TYR A 187 8.12 -11.72 1.47
N PHE A 188 7.82 -11.93 0.19
CA PHE A 188 6.44 -12.20 -0.22
C PHE A 188 6.15 -13.64 -0.67
N ASN A 189 5.00 -14.21 -0.27
CA ASN A 189 4.62 -15.58 -0.65
C ASN A 189 3.95 -15.73 -2.00
N ASP A 190 3.88 -14.70 -2.84
CA ASP A 190 2.95 -14.79 -3.98
C ASP A 190 3.55 -15.27 -5.28
N THR A 191 2.68 -15.69 -6.19
CA THR A 191 3.09 -16.38 -7.42
C THR A 191 3.92 -15.47 -8.30
N TYR A 192 3.45 -14.23 -8.46
CA TYR A 192 4.03 -13.26 -9.37
C TYR A 192 4.52 -12.04 -8.60
N GLU A 193 5.67 -11.48 -9.02
CA GLU A 193 6.25 -10.33 -8.32
C GLU A 193 7.30 -9.66 -9.19
N GLY A 194 7.22 -8.33 -9.27
CA GLY A 194 8.21 -7.52 -9.97
C GLY A 194 7.95 -6.03 -9.79
N LEU A 195 8.80 -5.23 -10.44
CA LEU A 195 8.58 -3.78 -10.55
C LEU A 195 8.39 -3.40 -12.01
N PRO A 196 7.54 -2.40 -12.26
CA PRO A 196 7.29 -1.95 -13.63
C PRO A 196 8.59 -1.53 -14.24
N VAL A 197 8.84 -1.94 -15.48
CA VAL A 197 10.16 -1.82 -16.05
C VAL A 197 10.58 -0.38 -16.26
N ASP A 198 9.69 0.44 -16.82
CA ASP A 198 10.01 1.87 -16.99
C ASP A 198 9.34 2.72 -15.91
N GLY A 199 9.15 2.13 -14.73
CA GLY A 199 8.53 2.80 -13.60
C GLY A 199 7.01 2.78 -13.57
N TYR A 200 6.46 3.25 -12.47
CA TYR A 200 5.02 3.24 -12.30
C TYR A 200 4.35 4.34 -13.10
N ALA A 201 5.02 5.49 -13.14
CA ALA A 201 4.48 6.64 -13.83
C ALA A 201 4.20 6.20 -15.23
N GLN A 202 5.20 5.61 -15.87
CA GLN A 202 5.04 5.17 -17.25
C GLN A 202 3.88 4.18 -17.39
N TRP A 203 3.77 3.30 -16.41
CA TRP A 203 2.78 2.27 -16.44
C TRP A 203 1.39 2.88 -16.29
N LEU A 204 1.17 3.55 -15.18
CA LEU A 204 -0.12 4.16 -14.87
C LEU A 204 -0.63 4.96 -16.06
N SER A 205 0.29 5.72 -16.60
CA SER A 205 0.00 6.60 -17.69
C SER A 205 -0.47 5.78 -18.88
N ASN A 206 0.17 4.63 -19.14
CA ASN A 206 -0.26 3.80 -20.26
C ASN A 206 -1.72 3.36 -20.14
N MET A 207 -2.19 3.20 -18.91
CA MET A 207 -3.54 2.74 -18.71
C MET A 207 -4.53 3.79 -19.18
N ALA A 208 -4.14 5.06 -19.17
CA ALA A 208 -5.07 6.13 -19.56
C ALA A 208 -4.84 6.54 -21.00
N ASP A 209 -3.72 6.10 -21.55
CA ASP A 209 -3.48 6.36 -22.95
C ASP A 209 -4.42 5.54 -23.85
N HIS A 210 -5.63 6.03 -24.04
CA HIS A 210 -6.61 5.35 -24.89
C HIS A 210 -7.49 6.36 -25.60
N GLU A 211 -7.89 6.05 -26.83
CA GLU A 211 -8.59 7.01 -27.67
C GLU A 211 -9.99 7.35 -27.19
N ASN A 212 -10.36 6.98 -25.96
CA ASN A 212 -11.70 7.23 -25.45
C ASN A 212 -11.65 7.83 -24.06
N ILE A 213 -10.44 8.03 -23.57
CA ILE A 213 -10.27 8.49 -22.21
C ILE A 213 -9.74 9.89 -22.24
N GLU A 214 -10.41 10.79 -21.51
CA GLU A 214 -9.98 12.18 -21.41
C GLU A 214 -9.61 12.48 -19.97
N VAL A 215 -8.45 13.09 -19.78
CA VAL A 215 -7.94 13.31 -18.44
C VAL A 215 -7.72 14.76 -18.17
N ARG A 216 -8.37 15.24 -17.11
CA ARG A 216 -8.20 16.59 -16.66
C ARG A 216 -7.48 16.57 -15.35
N LEU A 217 -6.19 16.87 -15.39
CA LEU A 217 -5.44 16.96 -14.15
C LEU A 217 -5.77 18.24 -13.44
N ASP A 218 -5.32 18.35 -12.21
CA ASP A 218 -5.51 19.57 -11.43
C ASP A 218 -6.96 19.96 -11.40
N THR A 219 -7.86 19.02 -11.15
CA THR A 219 -9.28 19.34 -11.07
C THR A 219 -9.99 18.65 -9.92
N ASP A 220 -10.58 19.44 -9.04
CA ASP A 220 -11.32 18.91 -7.91
C ASP A 220 -12.75 18.59 -8.37
N TRP A 221 -13.28 17.45 -7.99
CA TRP A 221 -14.56 17.03 -8.56
C TRP A 221 -15.68 17.88 -7.98
N PHE A 222 -15.56 18.19 -6.70
CA PHE A 222 -16.63 18.93 -6.04
C PHE A 222 -16.75 20.34 -6.61
N GLU A 223 -15.66 20.85 -7.18
CA GLU A 223 -15.70 22.15 -7.81
C GLU A 223 -16.35 22.08 -9.19
N VAL A 224 -16.21 20.96 -9.89
CA VAL A 224 -16.73 20.90 -11.25
C VAL A 224 -17.86 19.90 -11.46
N ARG A 225 -18.41 19.34 -10.39
CA ARG A 225 -19.36 18.26 -10.58
C ARG A 225 -20.65 18.71 -11.26
N GLU A 226 -21.29 19.75 -10.71
CA GLU A 226 -22.63 20.11 -11.14
C GLU A 226 -22.62 20.51 -12.59
N ASP A 227 -21.53 21.15 -12.96
CA ASP A 227 -21.28 21.52 -14.33
C ASP A 227 -21.25 20.28 -15.24
N LEU A 228 -20.36 19.34 -14.92
CA LEU A 228 -20.15 18.21 -15.80
C LEU A 228 -21.37 17.31 -15.91
N ARG A 229 -22.06 17.10 -14.81
CA ARG A 229 -23.20 16.20 -14.86
C ARG A 229 -24.31 16.88 -15.66
N ALA A 230 -24.21 18.20 -15.78
CA ALA A 230 -25.15 18.97 -16.57
C ALA A 230 -25.04 18.60 -18.05
N GLN A 231 -23.81 18.44 -18.52
CA GLN A 231 -23.54 18.18 -19.93
C GLN A 231 -24.19 16.88 -20.40
N ASN A 232 -24.18 15.88 -19.53
CA ASN A 232 -24.87 14.64 -19.84
C ASN A 232 -25.29 13.95 -18.57
N PRO A 233 -26.54 14.22 -18.15
CA PRO A 233 -26.97 13.94 -16.79
C PRO A 233 -27.10 12.49 -16.39
N GLU A 234 -27.32 11.57 -17.35
CA GLU A 234 -27.42 10.19 -16.91
C GLU A 234 -26.18 9.34 -17.14
N ALA A 235 -25.09 9.99 -17.62
CA ALA A 235 -23.76 9.47 -17.52
C ALA A 235 -23.46 9.28 -16.04
N PRO A 236 -23.01 8.08 -15.66
CA PRO A 236 -22.74 7.72 -14.27
C PRO A 236 -21.34 8.10 -13.82
N VAL A 237 -21.14 8.15 -12.50
CA VAL A 237 -19.84 8.50 -11.93
C VAL A 237 -19.25 7.36 -11.10
N VAL A 238 -17.93 7.23 -11.14
CA VAL A 238 -17.23 6.39 -10.17
C VAL A 238 -16.40 7.29 -9.26
N TYR A 239 -16.69 7.25 -7.97
CA TYR A 239 -15.98 8.12 -7.05
C TYR A 239 -14.92 7.38 -6.22
N THR A 240 -13.66 7.71 -6.41
CA THR A 240 -12.64 6.98 -5.67
C THR A 240 -11.96 7.88 -4.67
N GLY A 241 -12.60 9.01 -4.36
CA GLY A 241 -12.15 9.98 -3.36
C GLY A 241 -12.53 9.63 -1.94
N PRO A 242 -12.22 10.51 -0.98
CA PRO A 242 -12.51 10.22 0.42
C PRO A 242 -14.01 10.07 0.69
N LEU A 243 -14.39 8.92 1.23
CA LEU A 243 -15.79 8.60 1.50
C LEU A 243 -16.49 9.66 2.35
N ASP A 244 -15.95 9.94 3.54
CA ASP A 244 -16.55 10.91 4.44
C ASP A 244 -16.73 12.28 3.79
N ARG A 245 -15.73 12.74 3.05
CA ARG A 245 -15.76 14.08 2.48
C ARG A 245 -16.88 14.22 1.44
N TYR A 246 -17.22 13.11 0.77
CA TYR A 246 -18.27 13.15 -0.24
C TYR A 246 -19.52 13.71 0.40
N PHE A 247 -19.81 13.15 1.58
CA PHE A 247 -20.97 13.52 2.38
C PHE A 247 -20.59 14.57 3.43
N ASP A 248 -19.74 15.52 3.03
CA ASP A 248 -19.31 16.68 3.83
C ASP A 248 -19.08 16.40 5.32
N TYR A 249 -18.44 15.27 5.62
CA TYR A 249 -18.21 14.81 6.98
C TYR A 249 -19.41 14.95 7.86
N SER A 250 -20.59 14.86 7.25
CA SER A 250 -21.85 15.07 7.95
C SER A 250 -21.99 14.16 9.16
N GLU A 251 -21.06 13.21 9.30
CA GLU A 251 -21.17 12.11 10.25
C GLU A 251 -19.85 11.74 10.96
N GLY A 252 -18.97 12.71 11.14
CA GLY A 252 -17.69 12.45 11.79
C GLY A 252 -16.57 12.12 10.83
N HIS A 253 -15.36 12.63 11.11
CA HIS A 253 -14.21 12.39 10.25
C HIS A 253 -13.64 11.00 10.44
N LEU A 254 -13.40 10.32 9.33
CA LEU A 254 -12.83 8.99 9.42
C LEU A 254 -11.38 9.13 9.85
N GLY A 255 -10.91 8.18 10.64
CA GLY A 255 -9.59 8.25 11.24
C GLY A 255 -8.51 7.45 10.52
N TRP A 256 -7.47 8.16 10.11
CA TRP A 256 -6.43 7.55 9.29
C TRP A 256 -5.08 7.65 9.99
N ARG A 257 -4.18 6.73 9.67
CA ARG A 257 -2.78 6.81 10.07
C ARG A 257 -1.99 7.42 8.91
N THR A 258 -0.95 8.20 9.18
CA THR A 258 -0.18 8.78 8.09
C THR A 258 1.30 8.54 8.20
N LEU A 259 2.02 8.99 7.18
CA LEU A 259 3.45 8.86 7.12
C LEU A 259 4.10 10.15 6.69
N ASP A 260 5.24 10.44 7.30
CA ASP A 260 6.08 11.54 6.86
C ASP A 260 7.35 10.94 6.32
N PHE A 261 7.79 11.44 5.16
CA PHE A 261 8.97 10.88 4.49
C PHE A 261 10.09 11.91 4.42
N GLU A 262 11.24 11.56 4.98
CA GLU A 262 12.43 12.41 4.94
C GLU A 262 13.44 11.96 3.87
N THR A 263 13.46 12.66 2.73
CA THR A 263 14.24 12.25 1.55
C THR A 263 15.56 13.00 1.33
N GLU A 264 16.68 12.31 1.46
CA GLU A 264 18.00 12.96 1.32
C GLU A 264 18.80 12.44 0.15
N VAL A 265 19.66 13.27 -0.44
CA VAL A 265 20.64 12.75 -1.40
C VAL A 265 22.03 12.68 -0.77
N LEU A 266 22.65 11.50 -0.79
CA LEU A 266 23.97 11.35 -0.17
C LEU A 266 25.07 11.21 -1.19
N ASN A 267 26.26 11.67 -0.81
CA ASN A 267 27.40 11.64 -1.71
C ASN A 267 28.14 10.31 -1.59
N THR A 268 27.40 9.25 -1.82
CA THR A 268 27.97 7.92 -1.93
C THR A 268 27.11 7.18 -2.92
N GLY A 269 27.75 6.27 -3.65
CA GLY A 269 27.02 5.38 -4.54
C GLY A 269 26.15 4.35 -3.82
N ASP A 270 26.45 4.03 -2.57
CA ASP A 270 25.74 2.94 -1.92
C ASP A 270 25.70 3.06 -0.41
N PHE A 271 24.51 3.32 0.12
CA PHE A 271 24.35 3.60 1.54
C PHE A 271 24.05 2.41 2.47
N GLN A 272 23.40 1.36 1.99
CA GLN A 272 23.14 0.21 2.86
C GLN A 272 23.08 -1.11 2.08
N GLY A 273 23.22 -1.01 0.76
CA GLY A 273 23.38 -2.19 -0.08
C GLY A 273 22.21 -3.15 -0.05
N THR A 274 21.02 -2.61 0.15
CA THR A 274 19.79 -3.38 0.15
C THR A 274 18.71 -2.33 -0.02
N PRO A 275 17.60 -2.69 -0.69
CA PRO A 275 16.49 -1.76 -0.87
C PRO A 275 15.92 -1.25 0.45
N VAL A 276 15.47 -2.16 1.29
CA VAL A 276 14.84 -1.80 2.55
C VAL A 276 15.63 -2.29 3.75
N MET A 277 15.84 -1.39 4.71
CA MET A 277 16.47 -1.72 5.99
C MET A 277 15.57 -1.32 7.15
N ASN A 278 14.92 -2.29 7.77
CA ASN A 278 14.07 -1.99 8.90
C ASN A 278 14.91 -1.56 10.07
N TYR A 279 14.33 -0.73 10.93
CA TYR A 279 14.97 -0.31 12.17
C TYR A 279 14.11 -0.62 13.40
N ASN A 280 14.54 -1.58 14.21
CA ASN A 280 13.64 -2.11 15.23
C ASN A 280 13.89 -1.62 16.65
N ASP A 281 14.97 -0.87 16.83
CA ASP A 281 15.32 -0.30 18.14
C ASP A 281 14.73 1.09 18.28
N ALA A 282 14.28 1.42 19.48
CA ALA A 282 13.59 2.69 19.71
C ALA A 282 14.51 3.92 19.63
N GLU A 283 15.83 3.71 19.72
CA GLU A 283 16.80 4.80 19.57
C GLU A 283 16.62 5.59 18.27
N PHE A 284 15.86 5.04 17.32
CA PHE A 284 15.66 5.71 16.04
C PHE A 284 14.22 6.09 15.84
N PRO A 285 13.98 7.32 15.36
CA PRO A 285 12.64 7.85 15.06
C PRO A 285 11.94 7.03 13.99
N TYR A 286 12.55 6.91 12.82
CA TYR A 286 11.99 6.20 11.66
C TYR A 286 11.86 4.66 11.80
N THR A 287 11.01 4.05 10.97
CA THR A 287 10.79 2.63 11.05
C THR A 287 11.73 1.87 10.11
N ARG A 288 12.04 2.48 8.98
CA ARG A 288 12.91 1.86 8.01
C ARG A 288 13.51 2.90 7.08
N ILE A 289 14.64 2.57 6.45
CA ILE A 289 15.21 3.41 5.42
C ILE A 289 15.20 2.74 4.05
N HIS A 290 14.49 3.35 3.09
CA HIS A 290 14.47 2.86 1.71
C HIS A 290 15.63 3.42 0.89
N GLU A 291 16.42 2.59 0.21
CA GLU A 291 17.41 3.17 -0.70
C GLU A 291 17.12 2.79 -2.14
N PHE A 292 16.56 3.74 -2.87
CA PHE A 292 15.79 3.44 -4.07
C PHE A 292 16.54 2.90 -5.26
N ARG A 293 17.84 3.12 -5.34
CA ARG A 293 18.54 2.63 -6.52
C ARG A 293 18.46 1.11 -6.55
N HIS A 294 18.46 0.51 -5.37
CA HIS A 294 18.52 -0.94 -5.31
C HIS A 294 17.24 -1.62 -5.81
N PHE A 295 16.17 -0.86 -5.93
CA PHE A 295 14.94 -1.44 -6.46
C PHE A 295 15.11 -1.73 -7.94
N HIS A 296 15.97 -0.99 -8.61
CA HIS A 296 16.17 -1.27 -10.02
C HIS A 296 17.66 -1.47 -10.38
N PRO A 297 18.30 -2.50 -9.82
CA PRO A 297 19.73 -2.72 -10.05
C PRO A 297 20.08 -2.88 -11.51
N GLU A 298 19.10 -3.24 -12.32
CA GLU A 298 19.33 -3.45 -13.73
C GLU A 298 19.53 -2.12 -14.42
N ARG A 299 19.31 -1.03 -13.68
CA ARG A 299 19.61 0.32 -14.18
C ARG A 299 20.90 0.91 -13.67
N GLU A 300 21.81 0.14 -13.07
CA GLU A 300 22.79 0.85 -12.26
C GLU A 300 23.88 1.42 -13.18
N ASP A 301 23.71 1.22 -14.48
CA ASP A 301 24.54 1.91 -15.47
C ASP A 301 23.89 3.21 -16.00
N ARG A 302 22.77 3.61 -15.41
CA ARG A 302 22.20 4.93 -15.66
C ARG A 302 22.13 5.62 -14.33
N HIS A 303 22.77 5.01 -13.35
CA HIS A 303 22.73 5.55 -12.01
C HIS A 303 24.04 6.27 -11.71
N PRO A 304 23.96 7.33 -10.91
CA PRO A 304 25.10 8.01 -10.30
C PRO A 304 26.13 7.06 -9.69
N LYS A 305 27.36 7.10 -10.20
CA LYS A 305 28.48 6.38 -9.61
C LYS A 305 28.71 6.75 -8.14
N ASP A 306 28.38 7.97 -7.75
CA ASP A 306 28.81 8.45 -6.44
C ASP A 306 27.72 9.10 -5.62
N LYS A 307 26.49 8.92 -6.04
CA LYS A 307 25.42 9.49 -5.27
C LYS A 307 24.32 8.48 -5.10
N THR A 308 23.55 8.61 -4.02
CA THR A 308 22.37 7.80 -3.87
C THR A 308 21.29 8.52 -3.08
N VAL A 309 20.06 8.38 -3.54
CA VAL A 309 18.90 8.84 -2.81
C VAL A 309 18.37 7.85 -1.79
N ILE A 310 18.12 8.29 -0.57
CA ILE A 310 17.49 7.41 0.42
C ILE A 310 16.38 8.18 1.10
N MET A 311 15.59 7.49 1.90
CA MET A 311 14.38 8.08 2.47
C MET A 311 14.03 7.41 3.80
N LYS A 312 13.75 8.22 4.81
CA LYS A 312 13.38 7.67 6.11
C LYS A 312 11.88 7.81 6.31
N GLU A 313 11.25 6.75 6.82
CA GLU A 313 9.81 6.72 6.98
C GLU A 313 9.40 6.88 8.44
N TYR A 314 8.50 7.81 8.71
CA TYR A 314 7.97 8.02 10.06
C TYR A 314 6.47 7.87 10.07
N SER A 315 5.94 7.50 11.23
CA SER A 315 4.50 7.27 11.34
C SER A 315 3.90 8.16 12.44
N ARG A 316 2.64 8.53 12.26
CA ARG A 316 1.87 9.22 13.28
C ARG A 316 0.42 9.25 12.82
N PHE A 317 -0.46 9.85 13.61
CA PHE A 317 -1.84 10.00 13.20
C PHE A 317 -1.97 11.24 12.35
N ALA A 318 -3.03 11.29 11.54
CA ALA A 318 -2.90 11.89 10.20
C ALA A 318 -3.60 13.18 9.87
N GLU A 319 -3.79 14.13 10.77
CA GLU A 319 -4.98 14.88 10.45
C GLU A 319 -4.87 16.28 9.87
N GLU A 320 -6.04 16.69 9.37
CA GLU A 320 -6.29 17.36 8.09
C GLU A 320 -5.06 17.96 7.38
N GLY A 321 -5.07 17.81 6.06
CA GLY A 321 -4.01 18.31 5.22
C GLY A 321 -2.97 17.23 5.02
N ASP A 322 -2.77 16.43 6.07
CA ASP A 322 -1.93 15.26 5.97
C ASP A 322 -2.59 14.26 5.06
N GLU A 323 -1.76 13.56 4.28
CA GLU A 323 -2.25 12.47 3.45
C GLU A 323 -2.67 11.29 4.31
N PRO A 324 -3.85 10.76 4.03
CA PRO A 324 -4.28 9.52 4.69
C PRO A 324 -3.59 8.32 4.07
N TYR A 325 -3.09 7.40 4.90
CA TYR A 325 -2.46 6.23 4.35
C TYR A 325 -3.17 4.93 4.79
N TYR A 326 -3.26 4.73 6.10
CA TYR A 326 -3.80 3.50 6.66
C TYR A 326 -5.04 3.74 7.51
N PRO A 327 -6.14 3.03 7.21
CA PRO A 327 -7.33 3.19 8.05
C PRO A 327 -6.93 2.80 9.46
N ILE A 328 -7.44 3.51 10.46
CA ILE A 328 -7.08 3.19 11.83
C ILE A 328 -7.99 2.11 12.37
N ASN A 329 -9.27 2.22 12.05
CA ASN A 329 -10.27 1.23 12.43
C ASN A 329 -10.44 1.06 13.92
N THR A 330 -10.55 2.19 14.61
CA THR A 330 -11.08 2.21 15.97
C THR A 330 -12.52 1.73 15.91
N PRO A 331 -13.05 1.28 17.06
CA PRO A 331 -14.46 0.87 17.04
C PRO A 331 -15.33 2.04 16.62
N SER A 332 -15.00 3.24 17.12
CA SER A 332 -15.75 4.45 16.80
C SER A 332 -15.52 4.90 15.37
N ASP A 333 -14.68 4.17 14.65
CA ASP A 333 -14.51 4.41 13.22
C ASP A 333 -15.39 3.47 12.39
N ARG A 334 -15.53 2.22 12.81
CA ARG A 334 -16.13 1.20 11.95
C ARG A 334 -17.67 1.30 11.90
N GLU A 335 -18.28 2.05 12.81
CA GLU A 335 -19.73 2.23 12.74
C GLU A 335 -20.08 3.50 11.97
N MET A 336 -19.25 4.54 12.09
CA MET A 336 -19.47 5.75 11.32
C MET A 336 -19.20 5.40 9.85
N LEU A 337 -18.38 4.37 9.63
CA LEU A 337 -18.25 3.76 8.31
C LEU A 337 -19.59 3.14 7.88
N PHE A 338 -20.01 2.09 8.59
CA PHE A 338 -21.22 1.29 8.27
C PHE A 338 -22.40 2.17 7.86
N LYS A 339 -22.41 3.33 8.51
CA LYS A 339 -23.35 4.40 8.34
C LYS A 339 -23.11 4.96 6.93
N TYR A 340 -21.94 5.56 6.66
CA TYR A 340 -21.65 6.12 5.32
C TYR A 340 -21.97 5.15 4.15
N ARG A 341 -21.78 3.85 4.39
CA ARG A 341 -22.23 2.79 3.46
C ARG A 341 -23.70 2.97 3.10
N GLU A 342 -24.52 3.12 4.12
CA GLU A 342 -25.94 3.37 3.95
C GLU A 342 -26.15 4.59 3.03
N LEU A 343 -25.44 5.68 3.35
CA LEU A 343 -25.52 6.90 2.55
C LEU A 343 -25.14 6.69 1.09
N ALA A 344 -24.03 5.98 0.90
CA ALA A 344 -23.48 5.73 -0.42
C ALA A 344 -24.44 4.95 -1.30
N ASP A 345 -25.00 3.88 -0.74
CA ASP A 345 -25.94 3.03 -1.47
C ASP A 345 -27.15 3.80 -1.91
N ALA A 346 -27.59 4.71 -1.04
CA ALA A 346 -28.73 5.58 -1.31
C ALA A 346 -28.38 6.45 -2.47
N GLU A 347 -27.24 7.10 -2.29
CA GLU A 347 -26.63 7.95 -3.29
C GLU A 347 -26.28 7.18 -4.57
N THR A 348 -26.09 5.88 -4.47
CA THR A 348 -25.78 5.13 -5.68
C THR A 348 -27.04 4.86 -6.46
N GLU A 349 -28.14 4.60 -5.75
CA GLU A 349 -29.40 4.35 -6.46
C GLU A 349 -30.03 5.65 -6.88
N SER A 350 -29.96 6.67 -6.03
CA SER A 350 -30.61 7.93 -6.38
C SER A 350 -29.90 8.63 -7.54
N GLY A 351 -28.57 8.64 -7.53
CA GLY A 351 -27.83 9.45 -8.49
C GLY A 351 -26.68 8.82 -9.28
N LYS A 352 -26.71 7.50 -9.43
CA LYS A 352 -25.76 6.73 -10.25
C LYS A 352 -24.30 7.06 -9.94
N VAL A 353 -23.98 7.16 -8.65
CA VAL A 353 -22.62 7.45 -8.24
C VAL A 353 -22.07 6.29 -7.43
N TYR A 354 -21.05 5.67 -7.98
CA TYR A 354 -20.44 4.50 -7.36
C TYR A 354 -19.20 4.85 -6.55
N PHE A 355 -18.98 4.10 -5.48
CA PHE A 355 -17.86 4.33 -4.57
C PHE A 355 -16.87 3.16 -4.59
N GLY A 356 -15.59 3.45 -4.76
CA GLY A 356 -14.59 2.41 -4.88
C GLY A 356 -13.22 2.85 -4.44
N GLY A 357 -12.33 1.88 -4.23
CA GLY A 357 -10.93 2.15 -3.96
C GLY A 357 -10.58 2.50 -2.53
N ARG A 358 -9.28 2.63 -2.31
CA ARG A 358 -8.70 2.92 -1.02
C ARG A 358 -9.42 4.02 -0.20
N LEU A 359 -9.51 5.22 -0.76
CA LEU A 359 -10.17 6.30 -0.06
C LEU A 359 -11.68 6.09 -0.05
N GLY A 360 -12.19 5.58 -1.15
CA GLY A 360 -13.64 5.55 -1.34
C GLY A 360 -14.36 4.52 -0.49
N THR A 361 -13.60 3.68 0.20
CA THR A 361 -14.24 2.63 0.96
C THR A 361 -13.62 2.48 2.34
N TYR A 362 -12.70 3.38 2.67
CA TYR A 362 -12.02 3.37 3.98
C TYR A 362 -11.45 2.00 4.26
N GLN A 363 -10.43 1.65 3.50
CA GLN A 363 -10.01 0.29 3.52
C GLN A 363 -8.64 0.16 2.94
N TYR A 364 -7.74 -0.55 3.62
CA TYR A 364 -6.45 -0.77 3.02
C TYR A 364 -6.57 -1.68 1.82
N LEU A 365 -5.90 -1.31 0.73
CA LEU A 365 -5.85 -2.14 -0.47
C LEU A 365 -4.47 -2.26 -1.05
N ASP A 366 -4.02 -3.47 -1.23
CA ASP A 366 -2.88 -3.70 -2.08
C ASP A 366 -3.25 -3.38 -3.51
N MET A 367 -2.23 -3.24 -4.34
CA MET A 367 -2.44 -2.78 -5.69
C MET A 367 -3.31 -3.76 -6.44
N HIS A 368 -2.92 -5.03 -6.43
CA HIS A 368 -3.69 -6.04 -7.14
C HIS A 368 -5.09 -6.18 -6.55
N MET A 369 -5.20 -5.91 -5.25
CA MET A 369 -6.48 -5.97 -4.59
C MET A 369 -7.42 -4.94 -5.15
N ALA A 370 -6.91 -3.71 -5.21
CA ALA A 370 -7.65 -2.60 -5.77
C ALA A 370 -8.03 -2.91 -7.21
N ILE A 371 -7.04 -3.23 -8.03
CA ILE A 371 -7.30 -3.58 -9.41
C ILE A 371 -8.39 -4.65 -9.57
N ALA A 372 -8.34 -5.67 -8.72
CA ALA A 372 -9.37 -6.70 -8.79
C ALA A 372 -10.70 -6.10 -8.34
N SER A 373 -10.67 -5.35 -7.24
CA SER A 373 -11.87 -4.72 -6.75
C SER A 373 -12.55 -3.91 -7.84
N ALA A 374 -11.73 -3.20 -8.61
CA ALA A 374 -12.20 -2.42 -9.74
C ALA A 374 -12.84 -3.35 -10.76
N LEU A 375 -12.08 -4.38 -11.17
CA LEU A 375 -12.54 -5.32 -12.17
C LEU A 375 -13.84 -5.99 -11.74
N SER A 376 -14.01 -6.18 -10.44
CA SER A 376 -15.26 -6.72 -9.93
C SER A 376 -16.36 -5.75 -10.28
N MET A 377 -16.28 -4.56 -9.70
CA MET A 377 -17.24 -3.49 -9.95
C MET A 377 -17.53 -3.28 -11.43
N PHE A 378 -16.49 -3.25 -12.25
CA PHE A 378 -16.71 -3.13 -13.68
C PHE A 378 -17.70 -4.16 -14.18
N ASP A 379 -17.33 -5.43 -14.04
CA ASP A 379 -18.13 -6.54 -14.55
C ASP A 379 -19.51 -6.68 -13.91
N ASN A 380 -19.59 -6.43 -12.60
CA ASN A 380 -20.81 -6.67 -11.84
C ASN A 380 -21.77 -5.50 -11.78
N LYS A 381 -21.25 -4.28 -11.73
CA LYS A 381 -22.11 -3.11 -11.66
C LYS A 381 -22.07 -2.20 -12.91
N LEU A 382 -20.92 -2.07 -13.55
CA LEU A 382 -20.82 -1.06 -14.59
C LEU A 382 -21.28 -1.50 -15.96
N VAL A 383 -21.21 -2.77 -16.26
CA VAL A 383 -21.57 -3.19 -17.61
C VAL A 383 -23.07 -2.87 -17.87
N ASP A 384 -23.91 -3.20 -16.91
CA ASP A 384 -25.33 -2.92 -17.08
C ASP A 384 -25.60 -1.44 -16.85
N ALA A 385 -24.75 -0.77 -16.09
CA ALA A 385 -25.04 0.62 -15.82
C ALA A 385 -24.81 1.52 -17.04
N LEU A 386 -24.20 0.99 -18.09
CA LEU A 386 -23.92 1.80 -19.29
C LEU A 386 -24.58 1.29 -20.57
N LYS A 387 -25.84 0.89 -20.51
CA LYS A 387 -26.50 0.36 -21.72
C LYS A 387 -27.68 1.20 -22.24
PA FDA B . -5.51 6.19 -4.87
O1A FDA B . -5.35 6.85 -3.57
O2A FDA B . -4.14 5.78 -5.44
O5B FDA B . -6.24 7.10 -6.00
C5B FDA B . -7.00 8.24 -5.56
C4B FDA B . -6.85 9.40 -6.52
O4B FDA B . -8.03 10.24 -6.47
C3B FDA B . -5.65 10.32 -6.26
O3B FDA B . -4.96 10.53 -7.49
C2B FDA B . -6.30 11.59 -5.70
O2B FDA B . -5.62 12.80 -6.02
C1B FDA B . -7.63 11.59 -6.43
N9A FDA B . -8.68 12.38 -5.80
C8A FDA B . -9.01 12.37 -4.47
N7A FDA B . -10.01 13.17 -4.16
C5A FDA B . -10.35 13.75 -5.37
C6A FDA B . -11.33 14.70 -5.72
N6A FDA B . -12.13 15.32 -4.83
N1A FDA B . -11.42 15.06 -7.03
C2A FDA B . -10.57 14.52 -7.90
N3A FDA B . -9.58 13.64 -7.68
C4A FDA B . -9.53 13.28 -6.38
N1 FDA B . -0.08 -2.18 -2.60
C2 FDA B . 0.55 -3.31 -3.06
O2 FDA B . -0.06 -4.19 -3.67
N3 FDA B . 1.90 -3.37 -2.85
C4 FDA B . 2.70 -2.42 -2.25
O4 FDA B . 3.91 -2.61 -2.12
C4X FDA B . 1.99 -1.27 -1.83
N5 FDA B . 2.67 -0.22 -1.31
C5X FDA B . 1.97 0.71 -0.56
C6 FDA B . 2.65 1.52 0.34
C7 FDA B . 1.95 2.43 1.13
C7M FDA B . 2.71 3.35 2.05
C8 FDA B . 0.55 2.49 1.05
C8M FDA B . -0.22 3.48 1.87
C9 FDA B . -0.12 1.66 0.16
C9A FDA B . 0.57 0.80 -0.69
N10 FDA B . -0.08 0.10 -1.76
C10 FDA B . 0.62 -1.16 -2.00
C1' FDA B . -0.42 0.86 -2.97
C2' FDA B . -1.53 1.92 -2.96
O2' FDA B . -1.47 2.81 -1.86
C3' FDA B . -2.94 1.39 -3.21
O3' FDA B . -2.91 0.06 -3.72
C4' FDA B . -3.57 2.31 -4.24
O4' FDA B . -3.21 3.64 -3.91
C5' FDA B . -5.08 2.18 -4.37
O5' FDA B . -5.46 2.79 -5.63
P FDA B . -6.78 3.66 -5.55
O1P FDA B . -7.29 4.04 -6.90
O2P FDA B . -7.78 2.85 -4.76
O3P FDA B . -6.48 4.94 -4.67
N1 UPG C . 6.59 -6.16 12.30
C2 UPG C . 7.48 -6.06 13.34
N3 UPG C . 8.80 -5.86 12.98
C4 UPG C . 9.29 -5.74 11.69
C5 UPG C . 8.30 -5.86 10.66
C6 UPG C . 7.02 -6.06 10.98
O2 UPG C . 7.13 -6.11 14.51
O4 UPG C . 10.50 -5.53 11.52
C1C UPG C . 5.17 -6.25 12.65
C2C UPG C . 4.59 -4.92 13.11
O2C UPG C . 3.48 -5.09 13.99
C3C UPG C . 4.17 -4.29 11.79
C4C UPG C . 3.69 -5.50 10.98
O4C UPG C . 4.43 -6.64 11.50
O3C UPG C . 3.13 -3.34 12.06
C5C UPG C . 3.90 -5.46 9.48
O5C UPG C . 4.05 -4.11 9.02
PA UPG C . 5.23 -3.59 8.06
O1A UPG C . 6.46 -4.42 8.09
O2A UPG C . 5.57 -2.16 8.46
O3A UPG C . 4.63 -3.54 6.58
PB UPG C . 4.26 -4.71 5.56
O1B UPG C . 3.91 -5.98 6.25
O2B UPG C . 5.42 -4.92 4.55
O3B UPG C . 3.05 -4.03 4.79
C1' UPG C . 1.98 -3.27 5.27
C2' UPG C . 0.74 -4.16 5.17
C3' UPG C . 0.67 -4.76 3.77
C4' UPG C . 0.85 -3.71 2.67
C5' UPG C . 1.99 -2.74 2.98
C6' UPG C . 2.07 -1.53 2.07
O2' UPG C . 0.83 -5.19 6.16
O3' UPG C . -0.59 -5.43 3.60
O4' UPG C . 1.14 -4.36 1.42
O5' UPG C . 1.86 -2.24 4.32
O6' UPG C . 1.63 -0.36 2.75
NA NA D . 1.97 -20.53 23.62
#